data_8HW6
#
_entry.id   8HW6
#
_cell.length_a   46.802
_cell.length_b   69.347
_cell.length_c   50.564
_cell.angle_alpha   90.00
_cell.angle_beta   105.27
_cell.angle_gamma   90.00
#
_symmetry.space_group_name_H-M   'P 1 21 1'
#
loop_
_entity.id
_entity.type
_entity.pdbx_description
1 polymer Chitinase
2 non-polymer 'ACETATE ION'
3 non-polymer 2-acetamido-2-deoxy-beta-D-glucopyranose
4 non-polymer 2-AMINO-2-HYDROXYMETHYL-PROPANE-1,3-DIOL
5 water water
#
_entity_poly.entity_id   1
_entity_poly.type   'polypeptide(L)'
_entity_poly.pdbx_seq_one_letter_code
;MNRFFTLLFFVLFFNAAINFVSSHRIVGYYQGIRPLTNDQAKKLTHLILAFSTPDSQGNLSPLSSVLKQALKAGKSANGA
LKVMIAIGGGGFDPAIFTSLASNSGTRKSFINNIVSYLKTNELDGCDIDWEFPTSSDKAIFVTFLRDLKKAMAPSGAVLS
MASAASAFYLDPGYDLPGIESAVDFINVMCYDYYGSWTKTSTGPNSPLFKGGSADPSDTLNSNWTMNYHLMKVYNRAKLN
MGVPFYGKSWTNVGAPLNGDGLWRQLGTYGTELAWRNMGKSFDMTKTTYHKTAKTAYIYDTATKNFLTFDNPQSLKDKAK
YVAEKGIGGIMIWSIDQDDDKLSLLNSVSYHHHHHH
;
_entity_poly.pdbx_strand_id   A
#
# COMPACT_ATOMS: atom_id res chain seq x y z
N HIS A 24 6.00 2.72 15.34
CA HIS A 24 5.99 1.32 15.77
C HIS A 24 6.29 0.38 14.59
N ARG A 25 5.28 -0.23 13.98
CA ARG A 25 5.53 -1.09 12.82
C ARG A 25 5.95 -0.25 11.62
N ILE A 26 6.92 -0.75 10.88
CA ILE A 26 7.28 -0.23 9.56
C ILE A 26 7.18 -1.42 8.62
N VAL A 27 6.11 -1.46 7.84
CA VAL A 27 5.76 -2.62 7.04
C VAL A 27 6.11 -2.27 5.60
N GLY A 28 7.16 -2.90 5.07
CA GLY A 28 7.63 -2.52 3.75
C GLY A 28 7.31 -3.51 2.65
N TYR A 29 6.40 -3.15 1.74
CA TYR A 29 6.24 -3.97 0.55
C TYR A 29 7.47 -3.84 -0.34
N TYR A 30 7.76 -4.90 -1.07
CA TYR A 30 8.95 -4.99 -1.91
C TYR A 30 8.59 -5.76 -3.17
N GLN A 31 8.89 -5.19 -4.34
CA GLN A 31 8.50 -5.84 -5.59
C GLN A 31 9.67 -6.20 -6.48
N GLY A 32 10.90 -6.15 -5.99
CA GLY A 32 12.04 -6.60 -6.77
C GLY A 32 12.48 -5.65 -7.86
N ILE A 33 12.39 -4.34 -7.62
CA ILE A 33 12.95 -3.37 -8.56
C ILE A 33 14.46 -3.42 -8.52
N ARG A 34 15.01 -3.65 -7.34
CA ARG A 34 16.44 -3.67 -7.08
C ARG A 34 16.66 -4.46 -5.80
N PRO A 35 17.88 -4.94 -5.55
CA PRO A 35 18.10 -5.75 -4.35
C PRO A 35 17.76 -4.99 -3.08
N LEU A 36 17.23 -5.70 -2.11
CA LEU A 36 17.04 -5.15 -0.77
C LEU A 36 18.40 -5.00 -0.09
N THR A 37 18.69 -3.81 0.43
CA THR A 37 20.00 -3.61 1.02
C THR A 37 19.99 -3.91 2.50
N ASN A 38 21.20 -4.12 3.05
CA ASN A 38 21.29 -4.39 4.47
C ASN A 38 20.83 -3.20 5.30
N ASP A 39 21.05 -1.97 4.82
CA ASP A 39 20.54 -0.81 5.55
C ASP A 39 19.01 -0.80 5.58
N GLN A 40 18.39 -1.13 4.45
CA GLN A 40 16.94 -1.17 4.39
C GLN A 40 16.35 -2.16 5.39
N ALA A 41 16.97 -3.36 5.48
CA ALA A 41 16.38 -4.42 6.29
C ALA A 41 16.28 -4.00 7.75
N LYS A 42 17.23 -3.19 8.23
CA LYS A 42 17.26 -2.77 9.62
C LYS A 42 16.21 -1.73 9.95
N LYS A 43 15.62 -1.08 8.94
CA LYS A 43 14.64 -0.03 9.17
C LYS A 43 13.21 -0.54 9.11
N LEU A 44 13.03 -1.84 8.86
CA LEU A 44 11.71 -2.45 8.76
C LEU A 44 11.46 -3.35 9.96
N THR A 45 10.18 -3.46 10.33
CA THR A 45 9.75 -4.58 11.18
C THR A 45 9.21 -5.73 10.35
N HIS A 46 8.63 -5.43 9.20
CA HIS A 46 8.05 -6.43 8.31
C HIS A 46 8.44 -6.09 6.89
N LEU A 47 8.80 -7.12 6.14
CA LEU A 47 9.12 -7.04 4.72
C LEU A 47 8.12 -7.92 3.99
N ILE A 48 7.33 -7.33 3.10
CA ILE A 48 6.27 -8.08 2.43
C ILE A 48 6.66 -8.18 0.96
N LEU A 49 7.16 -9.34 0.58
CA LEU A 49 7.44 -9.63 -0.82
C LEU A 49 6.15 -9.64 -1.63
N ALA A 50 6.25 -9.22 -2.88
CA ALA A 50 5.06 -9.02 -3.72
C ALA A 50 5.40 -9.32 -5.18
N PHE A 51 4.72 -10.27 -5.82
CA PHE A 51 3.62 -11.07 -5.26
C PHE A 51 3.80 -12.56 -5.54
N SER A 52 3.00 -13.37 -4.85
CA SER A 52 2.66 -14.71 -5.32
C SER A 52 1.17 -14.72 -5.63
N THR A 53 0.80 -15.40 -6.72
CA THR A 53 -0.59 -15.49 -7.08
C THR A 53 -1.05 -16.94 -7.12
N PRO A 54 -2.26 -17.22 -6.68
CA PRO A 54 -2.81 -18.57 -6.80
C PRO A 54 -3.47 -18.76 -8.16
N ASP A 55 -3.43 -19.99 -8.64
CA ASP A 55 -4.20 -20.34 -9.82
C ASP A 55 -5.60 -20.75 -9.39
N SER A 56 -6.42 -21.13 -10.38
CA SER A 56 -7.82 -21.48 -10.12
C SER A 56 -7.97 -22.60 -9.09
N GLN A 57 -6.91 -23.39 -8.87
CA GLN A 57 -6.94 -24.48 -7.90
C GLN A 57 -6.26 -24.15 -6.58
N GLY A 58 -5.80 -22.91 -6.37
CA GLY A 58 -5.19 -22.57 -5.10
C GLY A 58 -3.75 -22.97 -4.95
N ASN A 59 -3.06 -23.26 -6.06
CA ASN A 59 -1.61 -23.46 -6.06
C ASN A 59 -0.94 -22.11 -6.20
N LEU A 60 -0.03 -21.79 -5.26
CA LEU A 60 0.67 -20.51 -5.27
C LEU A 60 1.83 -20.50 -6.26
N SER A 61 1.93 -19.43 -7.05
CA SER A 61 3.07 -19.28 -7.96
C SER A 61 4.37 -19.31 -7.15
N PRO A 62 5.42 -19.96 -7.64
CA PRO A 62 6.66 -20.04 -6.88
C PRO A 62 7.30 -18.66 -6.72
N LEU A 63 7.96 -18.49 -5.58
CA LEU A 63 8.66 -17.25 -5.27
C LEU A 63 9.71 -16.96 -6.34
N SER A 64 9.61 -15.80 -6.97
CA SER A 64 10.58 -15.44 -7.99
C SER A 64 11.97 -15.26 -7.39
N SER A 65 12.97 -15.32 -8.27
CA SER A 65 14.36 -15.21 -7.84
C SER A 65 14.61 -13.88 -7.13
N VAL A 66 14.10 -12.76 -7.67
CA VAL A 66 14.38 -11.48 -7.05
C VAL A 66 13.70 -11.37 -5.68
N LEU A 67 12.55 -12.02 -5.50
CA LEU A 67 11.93 -11.99 -4.18
C LEU A 67 12.68 -12.88 -3.20
N LYS A 68 13.14 -14.05 -3.66
CA LYS A 68 13.92 -14.95 -2.81
C LYS A 68 15.18 -14.27 -2.29
N GLN A 69 15.88 -13.53 -3.16
CA GLN A 69 17.10 -12.84 -2.73
C GLN A 69 16.82 -11.85 -1.61
N ALA A 70 15.71 -11.11 -1.73
CA ALA A 70 15.38 -10.10 -0.73
C ALA A 70 15.05 -10.74 0.61
N LEU A 71 14.42 -11.91 0.62
CA LEU A 71 14.19 -12.65 1.86
C LEU A 71 15.51 -12.96 2.55
N LYS A 72 16.47 -13.50 1.80
CA LYS A 72 17.76 -13.85 2.40
C LYS A 72 18.52 -12.60 2.85
N ALA A 73 18.45 -11.52 2.05
CA ALA A 73 19.13 -10.29 2.42
C ALA A 73 18.51 -9.67 3.67
N GLY A 74 17.18 -9.70 3.76
CA GLY A 74 16.53 -9.12 4.92
C GLY A 74 16.84 -9.88 6.20
N LYS A 75 16.71 -11.20 6.17
CA LYS A 75 16.95 -11.97 7.38
C LYS A 75 18.41 -11.90 7.80
N SER A 76 19.34 -11.84 6.84
CA SER A 76 20.76 -11.79 7.17
C SER A 76 21.12 -10.48 7.86
N ALA A 77 20.48 -9.38 7.46
CA ALA A 77 20.79 -8.06 7.97
C ALA A 77 19.95 -7.67 9.17
N ASN A 78 18.90 -8.41 9.48
CA ASN A 78 18.02 -8.04 10.60
C ASN A 78 17.34 -9.31 11.08
N GLY A 79 17.89 -9.92 12.14
CA GLY A 79 17.34 -11.14 12.70
C GLY A 79 15.94 -10.99 13.28
N ALA A 80 15.49 -9.77 13.54
CA ALA A 80 14.14 -9.53 14.02
C ALA A 80 13.12 -9.41 12.89
N LEU A 81 13.58 -9.27 11.65
CA LEU A 81 12.70 -8.95 10.54
C LEU A 81 11.76 -10.10 10.23
N LYS A 82 10.49 -9.80 10.04
CA LYS A 82 9.51 -10.78 9.59
C LYS A 82 9.37 -10.62 8.07
N VAL A 83 9.59 -11.69 7.34
CA VAL A 83 9.50 -11.66 5.88
C VAL A 83 8.25 -12.42 5.48
N MET A 84 7.34 -11.75 4.79
CA MET A 84 6.03 -12.26 4.45
C MET A 84 5.83 -12.23 2.95
N ILE A 85 4.89 -13.03 2.46
CA ILE A 85 4.54 -13.03 1.04
C ILE A 85 3.15 -12.42 0.90
N ALA A 86 3.03 -11.41 0.04
CA ALA A 86 1.74 -10.85 -0.32
C ALA A 86 1.13 -11.70 -1.43
N ILE A 87 -0.10 -12.16 -1.20
CA ILE A 87 -0.79 -13.05 -2.14
C ILE A 87 -1.87 -12.23 -2.85
N GLY A 88 -1.84 -12.24 -4.18
CA GLY A 88 -2.81 -11.48 -4.95
C GLY A 88 -2.22 -10.27 -5.63
N GLY A 89 -2.71 -9.09 -5.28
CA GLY A 89 -2.20 -7.85 -5.84
C GLY A 89 -3.24 -7.16 -6.71
N GLY A 90 -2.96 -5.88 -6.99
CA GLY A 90 -3.86 -5.08 -7.80
C GLY A 90 -4.08 -5.64 -9.19
N GLY A 91 -3.08 -6.31 -9.75
CA GLY A 91 -3.33 -6.90 -11.05
C GLY A 91 -4.15 -8.17 -11.03
N PHE A 92 -4.34 -8.76 -9.86
CA PHE A 92 -4.79 -10.14 -9.76
C PHE A 92 -6.31 -10.21 -9.75
N ASP A 93 -6.86 -11.10 -10.58
CA ASP A 93 -8.29 -11.33 -10.75
C ASP A 93 -8.95 -11.67 -9.42
N PRO A 94 -9.74 -10.75 -8.85
CA PRO A 94 -10.36 -11.03 -7.53
C PRO A 94 -11.39 -12.14 -7.57
N ALA A 95 -11.95 -12.45 -8.74
CA ALA A 95 -12.90 -13.55 -8.84
C ALA A 95 -12.25 -14.89 -8.51
N ILE A 96 -10.92 -15.00 -8.60
CA ILE A 96 -10.26 -16.24 -8.18
C ILE A 96 -10.26 -16.35 -6.66
N PHE A 97 -9.98 -15.25 -5.96
CA PHE A 97 -10.17 -15.21 -4.51
C PHE A 97 -11.60 -15.62 -4.14
N THR A 98 -12.59 -15.00 -4.79
CA THR A 98 -13.99 -15.38 -4.57
C THR A 98 -14.18 -16.88 -4.70
N SER A 99 -13.65 -17.46 -5.78
CA SER A 99 -13.85 -18.88 -6.02
C SER A 99 -13.20 -19.73 -4.92
N LEU A 100 -11.95 -19.43 -4.59
CA LEU A 100 -11.24 -20.25 -3.62
C LEU A 100 -11.86 -20.13 -2.24
N ALA A 101 -12.21 -18.91 -1.83
CA ALA A 101 -12.70 -18.67 -0.48
C ALA A 101 -14.16 -19.10 -0.28
N SER A 102 -14.98 -19.06 -1.33
CA SER A 102 -16.43 -19.24 -1.12
C SER A 102 -16.80 -20.68 -0.85
N ASN A 103 -15.94 -21.61 -1.19
CA ASN A 103 -16.21 -23.04 -1.17
C ASN A 103 -15.38 -23.61 -0.02
N SER A 104 -16.06 -24.18 0.99
CA SER A 104 -15.33 -24.61 2.19
C SER A 104 -14.24 -25.62 1.85
N GLY A 105 -14.46 -26.45 0.83
CA GLY A 105 -13.43 -27.41 0.44
C GLY A 105 -12.20 -26.72 -0.13
N THR A 106 -12.39 -25.84 -1.11
CA THR A 106 -11.26 -25.16 -1.72
C THR A 106 -10.63 -24.15 -0.77
N ARG A 107 -11.44 -23.53 0.09
CA ARG A 107 -10.90 -22.67 1.14
C ARG A 107 -9.90 -23.44 2.00
N LYS A 108 -10.28 -24.64 2.43
CA LYS A 108 -9.42 -25.47 3.29
C LYS A 108 -8.12 -25.85 2.58
N SER A 109 -8.21 -26.27 1.32
CA SER A 109 -6.99 -26.70 0.63
C SER A 109 -6.12 -25.52 0.24
N PHE A 110 -6.74 -24.40 -0.14
CA PHE A 110 -5.97 -23.18 -0.39
C PHE A 110 -5.22 -22.75 0.85
N ILE A 111 -5.87 -22.84 2.01
CA ILE A 111 -5.20 -22.46 3.26
C ILE A 111 -4.03 -23.38 3.53
N ASN A 112 -4.22 -24.70 3.38
CA ASN A 112 -3.13 -25.64 3.58
C ASN A 112 -1.97 -25.37 2.62
N ASN A 113 -2.29 -25.01 1.38
CA ASN A 113 -1.25 -24.67 0.42
C ASN A 113 -0.49 -23.42 0.87
N ILE A 114 -1.20 -22.42 1.40
CA ILE A 114 -0.54 -21.23 1.90
C ILE A 114 0.43 -21.59 3.03
N VAL A 115 -0.06 -22.35 4.00
CA VAL A 115 0.78 -22.68 5.15
C VAL A 115 1.99 -23.51 4.70
N SER A 116 1.78 -24.41 3.76
CA SER A 116 2.88 -25.21 3.23
C SER A 116 3.87 -24.35 2.45
N TYR A 117 3.36 -23.35 1.73
CA TYR A 117 4.20 -22.41 1.00
C TYR A 117 5.10 -21.63 1.94
N LEU A 118 4.56 -21.17 3.07
CA LEU A 118 5.34 -20.45 4.06
C LEU A 118 6.51 -21.30 4.55
N LYS A 119 6.23 -22.54 4.94
CA LYS A 119 7.29 -23.38 5.48
C LYS A 119 8.33 -23.70 4.40
N THR A 120 7.87 -24.04 3.20
CA THR A 120 8.79 -24.42 2.14
C THR A 120 9.69 -23.26 1.74
N ASN A 121 9.15 -22.04 1.68
CA ASN A 121 9.92 -20.87 1.27
C ASN A 121 10.48 -20.08 2.46
N GLU A 122 10.40 -20.62 3.67
CA GLU A 122 11.04 -20.03 4.85
C GLU A 122 10.53 -18.61 5.10
N LEU A 123 9.22 -18.42 4.89
CA LEU A 123 8.55 -17.14 5.11
C LEU A 123 7.96 -17.10 6.53
N ASP A 124 7.77 -15.88 7.03
CA ASP A 124 7.24 -15.67 8.36
C ASP A 124 5.77 -15.31 8.37
N GLY A 125 5.11 -15.31 7.22
CA GLY A 125 3.69 -15.04 7.18
C GLY A 125 3.27 -14.57 5.80
N CYS A 126 2.07 -14.00 5.75
CA CYS A 126 1.56 -13.61 4.44
C CYS A 126 0.58 -12.46 4.56
N ASP A 127 0.47 -11.70 3.48
CA ASP A 127 -0.48 -10.61 3.32
C ASP A 127 -1.46 -11.01 2.22
N ILE A 128 -2.75 -10.91 2.50
CA ILE A 128 -3.78 -11.13 1.48
C ILE A 128 -4.12 -9.79 0.84
N ASP A 129 -3.82 -9.66 -0.44
CA ASP A 129 -4.01 -8.42 -1.19
C ASP A 129 -5.10 -8.73 -2.22
N TRP A 130 -6.37 -8.60 -1.79
CA TRP A 130 -7.54 -8.94 -2.58
C TRP A 130 -8.18 -7.63 -3.05
N GLU A 131 -8.05 -7.34 -4.33
CA GLU A 131 -8.53 -6.08 -4.86
C GLU A 131 -9.58 -6.31 -5.96
N PHE A 132 -10.87 -6.31 -5.61
CA PHE A 132 -11.38 -6.00 -4.27
C PHE A 132 -12.57 -6.92 -3.94
N PRO A 133 -12.76 -7.26 -2.66
CA PRO A 133 -13.94 -8.05 -2.32
C PRO A 133 -15.20 -7.23 -2.57
N THR A 134 -16.21 -7.88 -3.15
CA THR A 134 -17.51 -7.26 -3.36
C THR A 134 -18.44 -7.58 -2.19
N SER A 135 -19.67 -7.06 -2.24
CA SER A 135 -20.64 -7.34 -1.18
C SER A 135 -20.88 -8.84 -1.03
N SER A 136 -20.80 -9.60 -2.12
CA SER A 136 -20.95 -11.05 -2.03
C SER A 136 -19.76 -11.73 -1.35
N ASP A 137 -18.64 -11.02 -1.20
CA ASP A 137 -17.43 -11.55 -0.59
C ASP A 137 -17.28 -11.21 0.89
N LYS A 138 -18.09 -10.26 1.39
CA LYS A 138 -17.80 -9.62 2.68
C LYS A 138 -17.63 -10.65 3.79
N ALA A 139 -18.60 -11.56 3.93
CA ALA A 139 -18.53 -12.55 5.00
C ALA A 139 -17.49 -13.62 4.72
N ILE A 140 -17.37 -14.03 3.45
CA ILE A 140 -16.48 -15.14 3.14
C ILE A 140 -15.03 -14.72 3.29
N PHE A 141 -14.72 -13.46 2.99
CA PHE A 141 -13.39 -12.93 3.24
C PHE A 141 -13.02 -13.09 4.71
N VAL A 142 -13.95 -12.74 5.60
CA VAL A 142 -13.65 -12.85 7.03
C VAL A 142 -13.46 -14.32 7.41
N THR A 143 -14.31 -15.21 6.91
CA THR A 143 -14.16 -16.63 7.18
C THR A 143 -12.82 -17.14 6.69
N PHE A 144 -12.42 -16.72 5.49
CA PHE A 144 -11.13 -17.15 4.96
C PHE A 144 -9.97 -16.68 5.84
N LEU A 145 -9.99 -15.41 6.26
CA LEU A 145 -8.90 -14.90 7.10
C LEU A 145 -8.87 -15.58 8.46
N ARG A 146 -10.05 -15.79 9.06
CA ARG A 146 -10.10 -16.46 10.36
C ARG A 146 -9.57 -17.88 10.27
N ASP A 147 -10.00 -18.63 9.24
CA ASP A 147 -9.49 -19.98 9.04
C ASP A 147 -8.00 -19.98 8.75
N LEU A 148 -7.54 -19.05 7.92
CA LEU A 148 -6.12 -19.00 7.62
C LEU A 148 -5.31 -18.69 8.87
N LYS A 149 -5.81 -17.77 9.70
CA LYS A 149 -5.12 -17.48 10.96
C LYS A 149 -4.99 -18.73 11.83
N LYS A 150 -6.08 -19.51 11.95
CA LYS A 150 -6.04 -20.71 12.77
C LYS A 150 -4.95 -21.67 12.32
N ALA A 151 -4.81 -21.85 11.00
CA ALA A 151 -3.78 -22.74 10.50
C ALA A 151 -2.38 -22.17 10.69
N MET A 152 -2.27 -20.84 10.72
CA MET A 152 -0.95 -20.20 10.87
C MET A 152 -0.52 -20.08 12.32
N ALA A 153 -1.45 -20.14 13.27
CA ALA A 153 -1.14 -19.73 14.64
C ALA A 153 -0.06 -20.58 15.32
N PRO A 154 -0.04 -21.92 15.21
CA PRO A 154 1.03 -22.68 15.88
C PRO A 154 2.44 -22.23 15.53
N SER A 155 2.70 -21.90 14.26
CA SER A 155 4.03 -21.48 13.83
C SER A 155 4.31 -20.01 14.11
N GLY A 156 3.36 -19.29 14.68
CA GLY A 156 3.53 -17.86 14.86
C GLY A 156 3.56 -17.06 13.58
N ALA A 157 3.05 -17.60 12.48
CA ALA A 157 3.14 -16.88 11.21
C ALA A 157 2.25 -15.64 11.24
N VAL A 158 2.72 -14.57 10.62
CA VAL A 158 2.07 -13.26 10.68
C VAL A 158 1.06 -13.15 9.55
N LEU A 159 -0.17 -12.72 9.87
CA LEU A 159 -1.21 -12.58 8.87
C LEU A 159 -1.64 -11.12 8.77
N SER A 160 -1.58 -10.57 7.56
CA SER A 160 -2.10 -9.24 7.32
C SER A 160 -2.96 -9.25 6.07
N MET A 161 -3.69 -8.16 5.88
CA MET A 161 -4.38 -7.95 4.63
C MET A 161 -4.27 -6.48 4.24
N ALA A 162 -4.46 -6.22 2.95
CA ALA A 162 -4.46 -4.87 2.41
C ALA A 162 -5.90 -4.39 2.28
N SER A 163 -6.15 -3.17 2.71
CA SER A 163 -7.49 -2.61 2.76
C SER A 163 -7.62 -1.45 1.78
N ALA A 164 -8.82 -1.28 1.24
CA ALA A 164 -9.10 -0.25 0.24
C ALA A 164 -9.20 1.13 0.89
N ALA A 165 -9.29 2.14 0.04
CA ALA A 165 -9.19 3.53 0.50
C ALA A 165 -10.48 4.32 0.39
N SER A 166 -11.50 3.82 -0.32
CA SER A 166 -12.75 4.55 -0.52
C SER A 166 -13.95 3.79 0.02
N ALA A 167 -15.00 4.54 0.39
CA ALA A 167 -16.25 3.91 0.83
C ALA A 167 -16.83 3.03 -0.27
N PHE A 168 -16.68 3.46 -1.53
CA PHE A 168 -17.16 2.69 -2.67
C PHE A 168 -16.79 1.22 -2.57
N TYR A 169 -15.54 0.92 -2.20
CA TYR A 169 -15.10 -0.45 -1.97
C TYR A 169 -15.29 -0.90 -0.52
N LEU A 170 -15.01 0.00 0.43
CA LEU A 170 -14.95 -0.41 1.84
C LEU A 170 -16.32 -0.80 2.37
N ASP A 171 -17.35 0.00 2.07
CA ASP A 171 -18.68 -0.27 2.62
C ASP A 171 -19.24 -1.62 2.18
N PRO A 172 -19.30 -1.96 0.89
CA PRO A 172 -19.89 -3.25 0.53
C PRO A 172 -18.99 -4.44 0.81
N GLY A 173 -17.67 -4.30 0.72
CA GLY A 173 -16.84 -5.48 0.71
C GLY A 173 -15.99 -5.81 1.93
N TYR A 174 -15.86 -4.86 2.87
CA TYR A 174 -14.93 -4.99 3.99
C TYR A 174 -15.69 -4.96 5.31
N ASP A 175 -15.74 -6.10 5.99
CA ASP A 175 -16.17 -6.17 7.38
C ASP A 175 -14.91 -5.96 8.21
N LEU A 176 -14.60 -4.69 8.49
CA LEU A 176 -13.35 -4.40 9.19
C LEU A 176 -13.29 -5.01 10.58
N PRO A 177 -14.34 -4.95 11.42
CA PRO A 177 -14.29 -5.71 12.68
C PRO A 177 -13.96 -7.19 12.49
N GLY A 178 -14.61 -7.83 11.51
CA GLY A 178 -14.33 -9.24 11.24
C GLY A 178 -12.91 -9.48 10.80
N ILE A 179 -12.44 -8.70 9.82
CA ILE A 179 -11.05 -8.78 9.37
C ILE A 179 -10.10 -8.55 10.54
N GLU A 180 -10.38 -7.52 11.34
CA GLU A 180 -9.49 -7.22 12.46
C GLU A 180 -9.39 -8.39 13.43
N SER A 181 -10.51 -9.10 13.64
CA SER A 181 -10.49 -10.22 14.57
C SER A 181 -9.61 -11.36 14.08
N ALA A 182 -9.23 -11.35 12.81
CA ALA A 182 -8.48 -12.46 12.22
C ALA A 182 -7.01 -12.14 11.98
N VAL A 183 -6.68 -10.92 11.59
CA VAL A 183 -5.36 -10.60 11.11
C VAL A 183 -4.54 -9.97 12.23
N ASP A 184 -3.22 -9.99 12.05
CA ASP A 184 -2.35 -9.28 12.98
C ASP A 184 -2.32 -7.78 12.69
N PHE A 185 -2.46 -7.37 11.43
CA PHE A 185 -2.59 -5.95 11.17
C PHE A 185 -3.14 -5.74 9.77
N ILE A 186 -3.68 -4.54 9.55
CA ILE A 186 -4.34 -4.15 8.32
C ILE A 186 -3.49 -3.08 7.65
N ASN A 187 -3.12 -3.33 6.39
CA ASN A 187 -2.30 -2.42 5.58
C ASN A 187 -3.24 -1.56 4.74
N VAL A 188 -3.49 -0.34 5.18
CA VAL A 188 -4.48 0.52 4.53
C VAL A 188 -3.81 1.26 3.37
N MET A 189 -4.34 1.07 2.16
CA MET A 189 -3.73 1.59 0.95
C MET A 189 -4.14 3.05 0.71
N CYS A 190 -3.47 3.95 1.45
CA CYS A 190 -3.78 5.38 1.34
C CYS A 190 -2.94 6.02 0.23
N TYR A 191 -3.27 5.64 -0.99
CA TYR A 191 -2.65 6.20 -2.19
C TYR A 191 -3.55 5.86 -3.38
N ASP A 192 -3.09 6.24 -4.57
CA ASP A 192 -3.88 6.10 -5.79
C ASP A 192 -5.19 6.87 -5.70
N TYR A 193 -5.16 8.02 -5.02
CA TYR A 193 -6.38 8.83 -4.92
C TYR A 193 -6.70 9.52 -6.24
N TYR A 194 -5.68 9.79 -7.05
CA TYR A 194 -5.83 10.21 -8.44
C TYR A 194 -5.02 9.27 -9.32
N GLY A 195 -5.39 9.21 -10.59
CA GLY A 195 -4.69 8.30 -11.45
C GLY A 195 -5.11 8.40 -12.89
N SER A 196 -4.75 7.36 -13.64
CA SER A 196 -5.01 7.32 -15.07
C SER A 196 -6.51 7.39 -15.39
N TRP A 197 -7.37 7.01 -14.44
CA TRP A 197 -8.81 7.09 -14.63
C TRP A 197 -9.37 8.48 -14.41
N THR A 198 -8.59 9.38 -13.82
CA THR A 198 -9.13 10.67 -13.43
C THR A 198 -9.42 11.51 -14.68
N LYS A 199 -10.64 12.05 -14.76
CA LYS A 199 -11.04 12.89 -15.88
C LYS A 199 -11.25 14.34 -15.48
N THR A 200 -11.26 14.65 -14.18
CA THR A 200 -11.62 15.97 -13.70
C THR A 200 -10.46 16.97 -13.79
N SER A 201 -9.29 16.59 -13.28
CA SER A 201 -8.15 17.49 -13.14
C SER A 201 -6.96 16.67 -12.67
N THR A 202 -5.80 17.31 -12.60
CA THR A 202 -4.74 16.73 -11.79
C THR A 202 -5.16 16.72 -10.33
N GLY A 203 -4.42 15.98 -9.51
CA GLY A 203 -4.70 15.87 -8.11
C GLY A 203 -3.65 15.01 -7.44
N PRO A 204 -3.64 15.02 -6.11
CA PRO A 204 -2.56 14.35 -5.38
C PRO A 204 -2.75 12.84 -5.33
N ASN A 205 -1.65 12.11 -5.57
CA ASN A 205 -1.69 10.66 -5.43
C ASN A 205 -1.98 10.23 -4.00
N SER A 206 -1.38 10.91 -3.02
CA SER A 206 -1.49 10.50 -1.62
C SER A 206 -1.31 11.70 -0.72
N PRO A 207 -2.27 12.62 -0.69
CA PRO A 207 -2.23 13.71 0.27
C PRO A 207 -2.54 13.18 1.66
N LEU A 208 -2.08 13.92 2.68
CA LEU A 208 -2.46 13.55 4.03
C LEU A 208 -3.88 14.03 4.35
N PHE A 209 -4.24 15.23 3.90
CA PHE A 209 -5.50 15.84 4.24
C PHE A 209 -6.20 16.37 3.01
N LYS A 210 -7.51 16.61 3.17
CA LYS A 210 -8.21 17.51 2.26
C LYS A 210 -7.42 18.81 2.15
N GLY A 211 -7.39 19.37 0.94
CA GLY A 211 -6.54 20.53 0.71
C GLY A 211 -7.23 21.88 0.79
N GLY A 212 -8.16 22.03 1.72
CA GLY A 212 -8.82 23.31 1.91
C GLY A 212 -9.97 23.55 0.95
N SER A 213 -10.36 24.83 0.85
CA SER A 213 -11.61 25.19 0.19
C SER A 213 -11.58 24.88 -1.31
N ALA A 214 -10.40 24.90 -1.94
CA ALA A 214 -10.34 24.60 -3.37
C ALA A 214 -10.42 23.11 -3.69
N ASP A 215 -10.40 22.26 -2.68
CA ASP A 215 -10.37 20.82 -2.90
C ASP A 215 -11.77 20.33 -3.27
N PRO A 216 -11.98 19.76 -4.46
CA PRO A 216 -13.32 19.26 -4.81
C PRO A 216 -13.74 18.00 -4.07
N SER A 217 -12.86 17.42 -3.24
CA SER A 217 -13.15 16.15 -2.61
C SER A 217 -12.91 16.23 -1.11
N ASP A 218 -13.82 15.63 -0.33
CA ASP A 218 -13.62 15.46 1.10
C ASP A 218 -12.90 14.15 1.45
N THR A 219 -12.80 13.21 0.52
CA THR A 219 -12.47 11.84 0.88
C THR A 219 -11.20 11.30 0.23
N LEU A 220 -10.71 11.91 -0.84
CA LEU A 220 -9.52 11.42 -1.54
C LEU A 220 -8.24 11.85 -0.82
N ASN A 221 -8.16 11.48 0.46
CA ASN A 221 -6.97 11.81 1.25
C ASN A 221 -6.77 10.76 2.34
N SER A 222 -5.53 10.67 2.82
CA SER A 222 -5.20 9.61 3.78
C SER A 222 -5.96 9.76 5.08
N ASN A 223 -6.10 11.01 5.56
CA ASN A 223 -6.81 11.25 6.80
C ASN A 223 -8.24 10.73 6.75
N TRP A 224 -8.96 10.99 5.65
CA TRP A 224 -10.33 10.50 5.55
C TRP A 224 -10.33 8.97 5.59
N THR A 225 -9.45 8.35 4.80
CA THR A 225 -9.40 6.89 4.77
C THR A 225 -9.04 6.32 6.14
N MET A 226 -8.04 6.91 6.82
CA MET A 226 -7.67 6.39 8.13
C MET A 226 -8.79 6.62 9.13
N ASN A 227 -9.46 7.77 9.05
CA ASN A 227 -10.59 8.00 9.95
C ASN A 227 -11.71 7.00 9.71
N TYR A 228 -11.95 6.64 8.44
CA TYR A 228 -12.95 5.59 8.16
C TYR A 228 -12.61 4.32 8.90
N HIS A 229 -11.36 3.87 8.80
CA HIS A 229 -10.93 2.66 9.50
C HIS A 229 -11.00 2.85 11.01
N LEU A 230 -10.58 4.02 11.51
CA LEU A 230 -10.60 4.26 12.95
C LEU A 230 -12.02 4.12 13.52
N MET A 231 -13.02 4.55 12.75
CA MET A 231 -14.41 4.49 13.22
C MET A 231 -14.98 3.07 13.21
N LYS A 232 -14.35 2.14 12.49
CA LYS A 232 -14.85 0.77 12.38
C LYS A 232 -14.10 -0.21 13.26
N VAL A 233 -12.77 -0.08 13.39
CA VAL A 233 -12.00 -1.14 14.04
C VAL A 233 -11.99 -0.93 15.55
N TYR A 234 -11.83 -2.05 16.27
CA TYR A 234 -11.77 -1.99 17.73
C TYR A 234 -10.45 -1.39 18.20
N ASN A 235 -9.34 -1.90 17.69
CA ASN A 235 -8.03 -1.48 18.18
C ASN A 235 -7.24 -0.88 17.03
N ARG A 236 -7.06 0.45 17.07
CA ARG A 236 -6.34 1.17 16.04
C ARG A 236 -4.87 0.76 15.94
N ALA A 237 -4.30 0.18 16.99
CA ALA A 237 -2.94 -0.34 16.90
C ALA A 237 -2.80 -1.41 15.82
N LYS A 238 -3.90 -2.01 15.38
CA LYS A 238 -3.85 -3.01 14.32
C LYS A 238 -3.90 -2.40 12.92
N LEU A 239 -3.92 -1.09 12.81
CA LEU A 239 -3.91 -0.40 11.53
C LEU A 239 -2.50 0.04 11.18
N ASN A 240 -2.16 -0.05 9.90
CA ASN A 240 -1.01 0.64 9.33
C ASN A 240 -1.52 1.62 8.28
N MET A 241 -1.02 2.84 8.31
CA MET A 241 -1.34 3.79 7.24
C MET A 241 -0.33 3.61 6.12
N GLY A 242 -0.83 3.22 4.96
CA GLY A 242 0.04 3.04 3.82
C GLY A 242 0.50 4.36 3.24
N VAL A 243 1.77 4.39 2.82
CA VAL A 243 2.30 5.55 2.11
C VAL A 243 3.00 5.09 0.83
N PRO A 244 3.02 5.92 -0.21
CA PRO A 244 3.70 5.53 -1.45
C PRO A 244 5.13 6.04 -1.56
N PHE A 245 6.03 5.23 -2.11
CA PHE A 245 7.34 5.71 -2.54
C PHE A 245 7.39 5.96 -4.04
N TYR A 246 6.23 6.30 -4.63
CA TYR A 246 6.12 6.58 -6.04
C TYR A 246 5.17 7.74 -6.23
N GLY A 247 5.17 8.29 -7.44
CA GLY A 247 4.29 9.38 -7.76
C GLY A 247 3.64 9.14 -9.10
N LYS A 248 2.88 10.11 -9.60
CA LYS A 248 2.24 10.00 -10.90
C LYS A 248 2.44 11.30 -11.66
N SER A 249 2.48 11.20 -12.98
CA SER A 249 2.69 12.33 -13.85
C SER A 249 1.56 12.48 -14.86
N TRP A 250 1.33 13.72 -15.28
CA TRP A 250 0.52 14.06 -16.44
C TRP A 250 1.34 15.01 -17.30
N THR A 251 1.07 14.98 -18.61
CA THR A 251 1.67 15.92 -19.53
C THR A 251 0.59 16.84 -20.09
N ASN A 252 1.05 17.94 -20.70
CA ASN A 252 0.16 18.94 -21.33
C ASN A 252 -0.90 19.41 -20.34
N VAL A 253 -0.48 19.63 -19.10
CA VAL A 253 -1.39 20.10 -18.05
C VAL A 253 -1.53 21.61 -18.15
N GLY A 254 -2.75 22.10 -17.93
CA GLY A 254 -3.08 23.51 -18.06
C GLY A 254 -3.21 24.22 -16.73
N ALA A 255 -4.15 25.17 -16.68
CA ALA A 255 -4.26 26.12 -15.58
C ALA A 255 -5.03 25.50 -14.41
N PRO A 256 -4.87 26.06 -13.20
CA PRO A 256 -5.64 25.55 -12.06
C PRO A 256 -7.14 25.70 -12.31
N LEU A 257 -7.91 24.75 -11.77
CA LEU A 257 -9.37 24.82 -11.94
C LEU A 257 -9.95 25.97 -11.13
N ASN A 258 -9.51 26.13 -9.91
CA ASN A 258 -10.04 27.14 -9.00
C ASN A 258 -8.99 27.82 -8.16
N GLY A 259 -8.03 28.42 -8.81
CA GLY A 259 -6.99 29.11 -8.11
C GLY A 259 -5.94 28.32 -7.32
N ASP A 260 -6.03 27.01 -7.25
CA ASP A 260 -5.02 26.23 -6.52
C ASP A 260 -4.28 25.31 -7.50
N GLY A 261 -2.97 25.42 -7.55
CA GLY A 261 -2.17 24.75 -8.56
C GLY A 261 -2.13 23.23 -8.47
N LEU A 262 -2.67 22.63 -7.39
CA LEU A 262 -2.69 21.18 -7.28
C LEU A 262 -3.72 20.54 -8.22
N TRP A 263 -4.81 21.26 -8.52
CA TRP A 263 -5.88 20.74 -9.37
C TRP A 263 -5.92 21.57 -10.65
N ARG A 264 -5.44 20.99 -11.74
CA ARG A 264 -5.22 21.73 -12.98
C ARG A 264 -5.92 21.05 -14.15
N GLN A 265 -6.20 21.84 -15.18
CA GLN A 265 -6.89 21.34 -16.36
C GLN A 265 -6.12 20.19 -16.97
N LEU A 266 -6.83 19.10 -17.27
CA LEU A 266 -6.15 17.89 -17.69
C LEU A 266 -5.61 18.01 -19.10
N GLY A 267 -4.38 17.53 -19.24
CA GLY A 267 -3.89 17.03 -20.51
C GLY A 267 -3.95 15.52 -20.46
N THR A 268 -2.80 14.87 -20.33
CA THR A 268 -2.70 13.45 -20.64
C THR A 268 -1.95 12.73 -19.53
N TYR A 269 -2.51 11.60 -19.10
CA TYR A 269 -1.86 10.81 -18.07
C TYR A 269 -0.50 10.33 -18.54
N GLY A 270 0.49 10.44 -17.65
CA GLY A 270 1.83 10.01 -17.94
C GLY A 270 2.04 8.57 -17.48
N THR A 271 2.52 8.41 -16.25
CA THR A 271 2.81 7.10 -15.70
C THR A 271 3.05 7.24 -14.21
N GLU A 272 3.19 6.09 -13.56
CA GLU A 272 3.66 6.05 -12.18
C GLU A 272 5.18 5.99 -12.21
N LEU A 273 5.82 6.85 -11.41
CA LEU A 273 7.27 6.92 -11.32
C LEU A 273 7.69 6.58 -9.91
N ALA A 274 8.64 5.66 -9.77
CA ALA A 274 9.33 5.49 -8.51
C ALA A 274 10.06 6.79 -8.16
N TRP A 275 10.02 7.15 -6.87
CA TRP A 275 10.81 8.26 -6.37
C TRP A 275 12.23 8.26 -6.91
N ARG A 276 12.89 7.10 -6.87
CA ARG A 276 14.29 7.05 -7.30
C ARG A 276 14.48 7.52 -8.73
N ASN A 277 13.41 7.61 -9.53
CA ASN A 277 13.52 8.03 -10.92
C ASN A 277 12.97 9.43 -11.20
N MET A 278 12.40 10.09 -10.20
CA MET A 278 11.77 11.39 -10.44
C MET A 278 12.81 12.47 -10.69
N GLY A 279 13.88 12.50 -9.89
CA GLY A 279 14.81 13.60 -9.92
C GLY A 279 15.56 13.75 -11.22
N LYS A 280 15.69 12.66 -11.98
CA LYS A 280 16.38 12.73 -13.25
C LYS A 280 15.46 13.12 -14.40
N SER A 281 14.15 13.22 -14.15
CA SER A 281 13.19 13.65 -15.15
C SER A 281 12.44 14.94 -14.78
N PHE A 282 12.49 15.35 -13.52
CA PHE A 282 11.84 16.56 -13.06
C PHE A 282 12.85 17.36 -12.23
N ASP A 283 12.73 18.68 -12.32
CA ASP A 283 13.53 19.59 -11.50
C ASP A 283 12.91 19.66 -10.11
N MET A 284 13.44 18.87 -9.19
CA MET A 284 12.83 18.76 -7.88
C MET A 284 12.94 20.04 -7.08
N THR A 285 13.79 20.99 -7.50
CA THR A 285 13.81 22.28 -6.83
C THR A 285 12.53 23.06 -7.06
N LYS A 286 11.73 22.71 -8.08
CA LYS A 286 10.45 23.34 -8.31
C LYS A 286 9.32 22.75 -7.46
N THR A 287 9.62 21.84 -6.54
CA THR A 287 8.59 21.22 -5.70
C THR A 287 7.73 22.27 -5.02
N THR A 288 6.42 22.12 -5.15
CA THR A 288 5.45 22.88 -4.36
C THR A 288 4.93 21.95 -3.27
N TYR A 289 5.02 22.39 -2.02
CA TYR A 289 4.46 21.61 -0.90
C TYR A 289 3.14 22.24 -0.49
N HIS A 290 2.05 21.50 -0.66
CA HIS A 290 0.74 22.01 -0.30
C HIS A 290 0.61 22.07 1.22
N LYS A 291 0.47 23.29 1.76
CA LYS A 291 0.50 23.48 3.21
C LYS A 291 -0.75 22.96 3.90
N THR A 292 -1.87 22.82 3.19
CA THR A 292 -3.09 22.30 3.81
C THR A 292 -3.24 20.80 3.59
N ALA A 293 -3.06 20.32 2.36
CA ALA A 293 -3.22 18.90 2.08
C ALA A 293 -2.03 18.06 2.53
N LYS A 294 -0.87 18.69 2.75
CA LYS A 294 0.41 18.02 3.08
C LYS A 294 0.78 17.02 1.98
N THR A 295 1.13 17.58 0.83
CA THR A 295 1.43 16.75 -0.33
C THR A 295 2.34 17.57 -1.24
N ALA A 296 3.19 16.87 -1.99
CA ALA A 296 4.18 17.50 -2.84
C ALA A 296 3.77 17.39 -4.30
N TYR A 297 3.98 18.46 -5.06
CA TYR A 297 3.77 18.36 -6.48
C TYR A 297 4.66 19.35 -7.21
N ILE A 298 4.86 19.09 -8.48
CA ILE A 298 5.58 19.99 -9.38
C ILE A 298 4.68 20.25 -10.57
N TYR A 299 4.39 21.51 -10.85
CA TYR A 299 3.89 21.91 -12.16
C TYR A 299 4.99 22.73 -12.80
N ASP A 300 5.41 22.29 -13.99
CA ASP A 300 6.51 22.92 -14.70
C ASP A 300 5.89 23.75 -15.80
N THR A 301 5.95 25.07 -15.65
CA THR A 301 5.34 25.94 -16.64
C THR A 301 6.05 25.86 -17.98
N ALA A 302 7.34 25.53 -17.98
CA ALA A 302 8.09 25.43 -19.23
C ALA A 302 7.60 24.24 -20.05
N THR A 303 7.40 23.10 -19.42
CA THR A 303 7.05 21.86 -20.13
C THR A 303 5.57 21.52 -20.05
N LYS A 304 4.85 22.07 -19.07
CA LYS A 304 3.46 21.71 -18.75
C LYS A 304 3.33 20.29 -18.21
N ASN A 305 4.45 19.68 -17.78
CA ASN A 305 4.42 18.42 -17.05
C ASN A 305 3.98 18.65 -15.60
N PHE A 306 3.26 17.67 -15.07
CA PHE A 306 2.76 17.71 -13.70
C PHE A 306 3.14 16.42 -13.00
N LEU A 307 3.64 16.53 -11.77
CA LEU A 307 4.05 15.37 -10.98
C LEU A 307 3.46 15.52 -9.59
N THR A 308 2.70 14.52 -9.16
CA THR A 308 2.30 14.39 -7.77
C THR A 308 3.09 13.27 -7.13
N PHE A 309 3.61 13.50 -5.94
CA PHE A 309 4.48 12.49 -5.35
C PHE A 309 4.51 12.66 -3.83
N ASP A 310 5.27 11.78 -3.18
CA ASP A 310 5.61 11.90 -1.77
C ASP A 310 7.10 12.12 -1.64
N ASN A 311 7.49 12.98 -0.71
CA ASN A 311 8.91 13.29 -0.55
C ASN A 311 9.23 13.26 0.94
N PRO A 312 10.47 13.54 1.37
CA PRO A 312 10.75 13.49 2.82
C PRO A 312 9.79 14.33 3.65
N GLN A 313 9.37 15.50 3.16
CA GLN A 313 8.49 16.34 3.96
C GLN A 313 7.11 15.71 4.15
N SER A 314 6.51 15.22 3.06
CA SER A 314 5.18 14.61 3.17
C SER A 314 5.22 13.39 4.06
N LEU A 315 6.31 12.63 4.00
CA LEU A 315 6.43 11.41 4.80
C LEU A 315 6.60 11.73 6.27
N LYS A 316 7.38 12.76 6.58
CA LYS A 316 7.52 13.22 7.96
C LYS A 316 6.16 13.65 8.52
N ASP A 317 5.39 14.42 7.75
CA ASP A 317 4.06 14.82 8.19
C ASP A 317 3.17 13.60 8.42
N LYS A 318 3.31 12.57 7.58
CA LYS A 318 2.48 11.39 7.75
C LYS A 318 2.90 10.57 8.96
N ALA A 319 4.21 10.41 9.19
CA ALA A 319 4.65 9.71 10.40
C ALA A 319 4.16 10.44 11.66
N LYS A 320 4.21 11.77 11.65
CA LYS A 320 3.71 12.53 12.78
C LYS A 320 2.22 12.28 12.99
N TYR A 321 1.45 12.28 11.90
CA TYR A 321 0.03 11.97 11.95
C TYR A 321 -0.20 10.60 12.58
N VAL A 322 0.55 9.60 12.13
CA VAL A 322 0.37 8.23 12.65
C VAL A 322 0.63 8.20 14.15
N ALA A 323 1.72 8.81 14.59
CA ALA A 323 2.00 8.88 16.02
C ALA A 323 0.89 9.63 16.76
N GLU A 324 0.46 10.78 16.21
CA GLU A 324 -0.55 11.58 16.90
C GLU A 324 -1.86 10.83 17.05
N LYS A 325 -2.25 10.05 16.06
CA LYS A 325 -3.50 9.30 16.10
C LYS A 325 -3.38 7.95 16.79
N GLY A 326 -2.18 7.56 17.20
CA GLY A 326 -2.01 6.25 17.79
C GLY A 326 -2.18 5.10 16.82
N ILE A 327 -2.03 5.34 15.52
CA ILE A 327 -2.09 4.26 14.55
C ILE A 327 -0.90 3.33 14.74
N GLY A 328 -1.10 2.03 14.52
CA GLY A 328 -0.14 1.03 14.91
C GLY A 328 1.12 0.98 14.07
N GLY A 329 1.11 1.54 12.87
CA GLY A 329 2.32 1.50 12.06
C GLY A 329 2.18 2.26 10.76
N ILE A 330 3.26 2.23 10.00
CA ILE A 330 3.34 2.77 8.64
C ILE A 330 3.62 1.60 7.70
N MET A 331 2.89 1.52 6.60
CA MET A 331 3.28 0.60 5.55
C MET A 331 3.60 1.38 4.29
N ILE A 332 4.46 0.78 3.46
CA ILE A 332 5.07 1.46 2.32
C ILE A 332 4.88 0.63 1.07
N TRP A 333 4.32 1.25 0.03
CA TRP A 333 4.47 0.69 -1.31
C TRP A 333 5.29 1.60 -2.20
N SER A 334 6.50 1.19 -2.63
CA SER A 334 7.21 -0.01 -2.18
C SER A 334 8.65 0.43 -1.87
N ILE A 335 9.28 -0.20 -0.88
CA ILE A 335 10.54 0.35 -0.36
C ILE A 335 11.62 0.38 -1.42
N ASP A 336 11.55 -0.52 -2.41
CA ASP A 336 12.58 -0.56 -3.45
C ASP A 336 12.46 0.59 -4.44
N GLN A 337 11.38 1.39 -4.37
CA GLN A 337 11.26 2.60 -5.17
C GLN A 337 12.04 3.76 -4.60
N ASP A 338 12.52 3.63 -3.35
CA ASP A 338 13.34 4.65 -2.70
C ASP A 338 14.66 4.81 -3.44
N ASP A 339 15.30 5.97 -3.25
CA ASP A 339 16.58 6.19 -3.90
C ASP A 339 17.67 5.39 -3.19
N ASP A 340 18.90 5.44 -3.72
CA ASP A 340 20.00 4.66 -3.15
C ASP A 340 20.34 5.10 -1.74
N LYS A 341 20.06 6.35 -1.39
CA LYS A 341 20.39 6.88 -0.07
C LYS A 341 19.23 6.73 0.92
N LEU A 342 18.13 6.10 0.51
CA LEU A 342 16.99 5.85 1.39
C LEU A 342 16.40 7.16 1.91
N SER A 343 16.35 8.20 1.06
CA SER A 343 15.74 9.47 1.46
C SER A 343 14.35 9.25 2.06
N LEU A 344 13.55 8.41 1.41
CA LEU A 344 12.17 8.26 1.83
C LEU A 344 12.06 7.37 3.07
N LEU A 345 12.76 6.23 3.06
CA LEU A 345 12.68 5.33 4.21
C LEU A 345 13.25 5.98 5.46
N ASN A 346 14.35 6.74 5.30
CA ASN A 346 14.94 7.42 6.45
C ASN A 346 14.03 8.52 6.97
N SER A 347 13.22 9.12 6.11
CA SER A 347 12.30 10.15 6.55
C SER A 347 11.11 9.58 7.30
N VAL A 348 10.71 8.35 6.98
CA VAL A 348 9.45 7.86 7.50
C VAL A 348 9.57 7.31 8.91
N SER A 349 10.79 7.04 9.36
CA SER A 349 10.99 6.34 10.61
C SER A 349 11.84 7.15 11.60
#